data_7ZW5
#
_entry.id   7ZW5
#
_cell.length_a   49.048
_cell.length_b   60.617
_cell.length_c   82.824
_cell.angle_alpha   90.000
_cell.angle_beta   90.000
_cell.angle_gamma   90.000
#
_symmetry.space_group_name_H-M   'P 21 21 21'
#
loop_
_entity.id
_entity.type
_entity.pdbx_description
1 polymer 'Serine protease subunit NS2B'
2 polymer 'Serine protease NS3'
3 non-polymer 1-[(8R,15S,18S)-15-(4-azanylbutyl)-18-(2-carbamimidamidoethyl)-4,7,14,17,20-pentakis(oxidanylidene)-3,6,13,16,19-pentazabicyclo[20.3.1]hexacosa-1(25),22(26),23-trien-8-yl]guanidine
4 water water
#
loop_
_entity_poly.entity_id
_entity_poly.type
_entity_poly.pdbx_seq_one_letter_code
_entity_poly.pdbx_strand_id
1 'polypeptide(L)' MTGKSVDMYIERAGDITWEKDAEVTGNSPRLDVALDESGDFSLVEEDGPPMRE A
2 'polypeptide(L)'
;GSGALWDVPAPKEVKKGETTDGVYRVMTRRLLGSTQVGVGVMQEGVFHTMWHVTKGAALRSGEGRLDPYWGDVKQDLVSY
CGPWKLDAAWDGLSEVQLLAVPPGERAKNIQTLPGIFKTKDGDIGAVALDYPAGTSGSPILDKCGRVIGLYGNGVVIKNG
SYVSAITQGKREEETPVE
;
B
#
loop_
_chem_comp.id
_chem_comp.type
_chem_comp.name
_chem_comp.formula
JG0 non-polymer 1-[(8R,15S,18S)-15-(4-azanylbutyl)-18-(2-carbamimidamidoethyl)-4,7,14,17,20-pentakis(oxidanylidene)-3,6,13,16,19-pentazabicyclo[20.3.1]hexacosa-1(25),22(26),23-trien-8-yl]guanidine 'C29 H48 N12 O5'
#
# COMPACT_ATOMS: atom_id res chain seq x y z
N ASP A 7 -12.20 -11.09 14.89
CA ASP A 7 -10.79 -11.43 15.03
C ASP A 7 -10.04 -11.02 13.78
N MET A 8 -9.31 -9.91 13.85
N MET A 8 -9.32 -9.89 13.86
CA MET A 8 -8.49 -9.42 12.74
CA MET A 8 -8.48 -9.41 12.77
C MET A 8 -7.03 -9.59 13.13
C MET A 8 -7.04 -9.66 13.18
N TYR A 9 -6.29 -10.38 12.34
CA TYR A 9 -4.96 -10.82 12.73
C TYR A 9 -4.04 -10.77 11.52
N ILE A 10 -2.74 -10.81 11.79
CA ILE A 10 -1.74 -10.72 10.73
C ILE A 10 -0.90 -11.98 10.67
N GLU A 11 -0.43 -12.31 9.47
N GLU A 11 -0.40 -12.28 9.47
CA GLU A 11 0.47 -13.43 9.29
CA GLU A 11 0.42 -13.46 9.22
C GLU A 11 1.56 -13.07 8.30
C GLU A 11 1.55 -13.07 8.27
N ARG A 12 2.78 -13.46 8.60
CA ARG A 12 3.91 -13.06 7.78
C ARG A 12 3.81 -13.69 6.39
N ALA A 13 4.16 -12.91 5.38
CA ALA A 13 4.00 -13.36 4.01
C ALA A 13 5.26 -13.25 3.19
N GLY A 14 6.33 -12.69 3.71
CA GLY A 14 7.57 -12.69 2.98
C GLY A 14 8.48 -11.56 3.38
N ASP A 15 9.65 -11.56 2.76
CA ASP A 15 10.64 -10.52 2.90
C ASP A 15 10.36 -9.43 1.87
N ILE A 16 10.80 -8.23 2.17
CA ILE A 16 10.61 -7.08 1.29
C ILE A 16 11.91 -6.88 0.54
N THR A 17 11.94 -7.26 -0.74
N THR A 17 11.94 -7.30 -0.72
CA THR A 17 13.17 -7.29 -1.55
CA THR A 17 13.12 -7.11 -1.54
C THR A 17 12.84 -6.96 -3.00
C THR A 17 12.69 -6.68 -2.93
N TRP A 18 13.62 -6.05 -3.61
CA TRP A 18 13.49 -5.74 -5.02
C TRP A 18 13.93 -6.95 -5.83
N GLU A 19 13.18 -7.28 -6.87
CA GLU A 19 13.49 -8.43 -7.72
C GLU A 19 14.24 -7.96 -8.95
N LYS A 20 15.45 -8.49 -9.17
CA LYS A 20 16.19 -8.15 -10.38
C LYS A 20 15.52 -8.78 -11.60
N ASP A 21 15.65 -8.10 -12.74
CA ASP A 21 15.06 -8.57 -14.00
C ASP A 21 13.61 -9.00 -13.82
N ALA A 22 12.77 -8.03 -13.43
CA ALA A 22 11.38 -8.35 -13.12
C ALA A 22 10.48 -8.13 -14.32
N GLU A 23 9.28 -8.72 -14.27
CA GLU A 23 8.26 -8.46 -15.26
C GLU A 23 7.79 -7.02 -15.14
N VAL A 24 7.76 -6.32 -16.27
CA VAL A 24 7.37 -4.91 -16.34
C VAL A 24 6.04 -4.82 -17.06
N THR A 25 5.08 -4.13 -16.45
CA THR A 25 3.78 -4.01 -17.08
C THR A 25 3.10 -2.73 -16.59
N GLY A 26 2.01 -2.39 -17.27
CA GLY A 26 1.23 -1.21 -16.94
C GLY A 26 1.70 0.01 -17.68
N ASN A 27 0.76 0.91 -17.95
CA ASN A 27 1.11 2.18 -18.55
C ASN A 27 1.41 3.20 -17.45
N SER A 28 1.49 4.48 -17.83
CA SER A 28 1.88 5.56 -16.92
C SER A 28 0.87 6.68 -17.09
N PRO A 29 -0.36 6.49 -16.62
CA PRO A 29 -1.43 7.44 -16.93
C PRO A 29 -1.24 8.76 -16.21
N ARG A 30 -1.65 9.82 -16.88
CA ARG A 30 -1.59 11.17 -16.34
C ARG A 30 -3.03 11.59 -16.10
N LEU A 31 -3.45 11.59 -14.83
CA LEU A 31 -4.85 11.79 -14.47
C LEU A 31 -5.01 13.00 -13.56
N ASP A 32 -6.07 13.75 -13.79
CA ASP A 32 -6.48 14.84 -12.91
C ASP A 32 -7.43 14.26 -11.87
N VAL A 33 -7.05 14.34 -10.60
N VAL A 33 -7.11 14.48 -10.59
CA VAL A 33 -7.87 13.75 -9.55
CA VAL A 33 -7.68 13.75 -9.49
C VAL A 33 -8.05 14.74 -8.41
C VAL A 33 -7.96 14.68 -8.33
N ALA A 34 -9.07 14.46 -7.61
CA ALA A 34 -9.37 15.17 -6.38
C ALA A 34 -9.40 14.18 -5.23
N LEU A 35 -9.01 14.63 -4.05
CA LEU A 35 -9.00 13.82 -2.83
C LEU A 35 -9.89 14.49 -1.79
N ASP A 36 -10.88 13.77 -1.29
CA ASP A 36 -11.78 14.34 -0.30
C ASP A 36 -11.31 14.03 1.13
N GLU A 37 -12.04 14.57 2.12
CA GLU A 37 -11.60 14.48 3.50
C GLU A 37 -11.74 13.08 4.06
N SER A 38 -12.48 12.20 3.40
N SER A 38 -12.48 12.20 3.40
CA SER A 38 -12.61 10.82 3.81
CA SER A 38 -12.60 10.81 3.83
C SER A 38 -11.59 9.90 3.16
C SER A 38 -11.58 9.90 3.18
N GLY A 39 -10.67 10.44 2.37
CA GLY A 39 -9.65 9.64 1.75
C GLY A 39 -10.03 9.01 0.44
N ASP A 40 -11.06 9.50 -0.23
CA ASP A 40 -11.46 8.97 -1.51
C ASP A 40 -10.94 9.85 -2.64
N PHE A 41 -10.24 9.22 -3.58
CA PHE A 41 -9.84 9.87 -4.81
C PHE A 41 -10.95 9.75 -5.85
N SER A 42 -11.09 10.78 -6.67
CA SER A 42 -12.04 10.78 -7.77
C SER A 42 -11.42 11.48 -8.96
N LEU A 43 -11.86 11.09 -10.15
CA LEU A 43 -11.45 11.78 -11.36
C LEU A 43 -12.14 13.14 -11.45
N VAL A 44 -11.39 14.14 -11.90
CA VAL A 44 -11.97 15.44 -12.23
C VAL A 44 -12.39 15.42 -13.69
N THR B 20 8.52 -9.57 13.43
CA THR B 20 9.75 -9.23 12.74
C THR B 20 9.48 -8.49 11.44
N ASP B 21 10.50 -7.80 10.93
CA ASP B 21 10.35 -7.03 9.71
C ASP B 21 9.85 -7.92 8.57
N GLY B 22 9.03 -7.36 7.70
CA GLY B 22 8.56 -8.09 6.54
C GLY B 22 7.20 -7.60 6.11
N VAL B 23 6.65 -8.27 5.11
CA VAL B 23 5.30 -8.01 4.62
C VAL B 23 4.38 -9.06 5.21
N TYR B 24 3.16 -8.66 5.57
CA TYR B 24 2.19 -9.50 6.26
C TYR B 24 0.83 -9.39 5.58
N ARG B 25 0.07 -10.50 5.61
CA ARG B 25 -1.34 -10.48 5.28
C ARG B 25 -2.14 -10.07 6.51
N VAL B 26 -3.23 -9.33 6.27
CA VAL B 26 -4.21 -8.95 7.28
C VAL B 26 -5.47 -9.76 7.01
N MET B 27 -5.86 -10.57 7.98
CA MET B 27 -6.94 -11.54 7.84
C MET B 27 -8.05 -11.25 8.84
N THR B 28 -9.26 -11.61 8.46
CA THR B 28 -10.39 -11.62 9.39
C THR B 28 -10.94 -13.03 9.46
N ARG B 29 -11.28 -13.47 10.66
CA ARG B 29 -11.81 -14.81 10.89
C ARG B 29 -13.19 -14.66 11.50
N SER B 34 -11.52 -17.83 7.04
N SER B 34 -11.40 -17.89 6.99
CA SER B 34 -10.84 -16.53 7.07
CA SER B 34 -10.82 -16.55 7.05
C SER B 34 -10.80 -15.85 5.70
C SER B 34 -10.89 -15.83 5.70
N THR B 35 -10.72 -14.52 5.73
CA THR B 35 -10.69 -13.71 4.51
C THR B 35 -9.49 -12.78 4.63
N GLN B 36 -8.71 -12.67 3.56
CA GLN B 36 -7.64 -11.66 3.53
C GLN B 36 -8.25 -10.33 3.12
N VAL B 37 -8.21 -9.37 4.04
CA VAL B 37 -8.73 -8.03 3.76
C VAL B 37 -7.63 -7.04 3.38
N GLY B 38 -6.37 -7.36 3.64
CA GLY B 38 -5.31 -6.49 3.22
C GLY B 38 -3.95 -7.07 3.55
N VAL B 39 -2.98 -6.15 3.57
CA VAL B 39 -1.55 -6.42 3.64
C VAL B 39 -0.94 -5.25 4.39
N GLY B 40 0.20 -5.47 5.03
CA GLY B 40 0.94 -4.35 5.56
C GLY B 40 2.41 -4.69 5.75
N VAL B 41 3.14 -3.69 6.22
CA VAL B 41 4.60 -3.72 6.35
C VAL B 41 4.98 -3.55 7.80
N MET B 42 5.80 -4.46 8.31
CA MET B 42 6.40 -4.32 9.63
C MET B 42 7.82 -3.79 9.42
N GLN B 43 8.11 -2.64 10.03
CA GLN B 43 9.44 -2.05 9.96
C GLN B 43 9.68 -1.29 11.25
N GLU B 44 10.84 -1.51 11.87
CA GLU B 44 11.20 -0.85 13.11
C GLU B 44 10.15 -1.03 14.19
N GLY B 45 9.57 -2.23 14.24
CA GLY B 45 8.61 -2.58 15.27
C GLY B 45 7.24 -1.98 15.10
N VAL B 46 6.97 -1.32 13.98
CA VAL B 46 5.69 -0.67 13.72
C VAL B 46 5.08 -1.34 12.50
N PHE B 47 3.78 -1.61 12.59
CA PHE B 47 3.03 -2.20 11.48
C PHE B 47 2.30 -1.09 10.73
N HIS B 48 2.44 -1.07 9.41
CA HIS B 48 1.93 -0.02 8.55
C HIS B 48 0.94 -0.63 7.57
N THR B 49 -0.27 -0.06 7.49
CA THR B 49 -1.25 -0.52 6.51
C THR B 49 -2.13 0.65 6.10
N MET B 50 -3.07 0.37 5.21
CA MET B 50 -4.05 1.38 4.81
C MET B 50 -5.24 1.36 5.78
N TRP B 51 -5.75 2.55 6.08
CA TRP B 51 -6.85 2.65 7.04
C TRP B 51 -8.05 1.79 6.64
N HIS B 52 -8.37 1.73 5.35
CA HIS B 52 -9.57 1.01 4.94
C HIS B 52 -9.44 -0.48 5.16
N VAL B 53 -8.23 -1.00 5.37
CA VAL B 53 -8.05 -2.41 5.64
C VAL B 53 -8.55 -2.76 7.04
N THR B 54 -8.21 -1.96 8.04
CA THR B 54 -8.53 -2.29 9.42
C THR B 54 -9.58 -1.39 10.03
N LYS B 55 -9.96 -0.30 9.36
CA LYS B 55 -10.83 0.73 9.92
C LYS B 55 -10.25 1.28 11.22
N GLY B 56 -8.94 1.19 11.36
CA GLY B 56 -8.26 1.72 12.51
C GLY B 56 -8.44 0.93 13.78
N ALA B 57 -8.83 -0.35 13.69
CA ALA B 57 -9.06 -1.21 14.84
C ALA B 57 -7.79 -1.98 15.20
N ALA B 58 -7.79 -2.54 16.41
CA ALA B 58 -6.63 -3.28 16.87
C ALA B 58 -6.44 -4.57 16.07
N LEU B 59 -5.20 -5.08 16.09
CA LEU B 59 -4.84 -6.28 15.38
C LEU B 59 -4.23 -7.29 16.35
N ARG B 60 -4.41 -8.57 16.03
CA ARG B 60 -3.74 -9.65 16.73
C ARG B 60 -2.54 -10.12 15.91
N SER B 61 -1.44 -10.43 16.60
CA SER B 61 -0.26 -11.01 15.97
C SER B 61 0.16 -12.16 16.88
N GLY B 62 -0.16 -13.37 16.47
CA GLY B 62 0.05 -14.51 17.35
C GLY B 62 -0.81 -14.37 18.58
N GLU B 63 -0.18 -14.40 19.75
CA GLU B 63 -0.86 -14.17 21.02
C GLU B 63 -0.83 -12.71 21.43
N GLY B 64 -0.22 -11.83 20.63
CA GLY B 64 -0.05 -10.45 20.97
C GLY B 64 -1.06 -9.53 20.32
N ARG B 65 -1.18 -8.33 20.89
CA ARG B 65 -2.11 -7.32 20.41
C ARG B 65 -1.34 -6.11 19.92
N LEU B 66 -1.67 -5.64 18.73
CA LEU B 66 -1.08 -4.43 18.15
C LEU B 66 -2.12 -3.32 18.24
N ASP B 67 -1.76 -2.22 18.88
CA ASP B 67 -2.73 -1.17 19.05
C ASP B 67 -2.46 -0.04 18.06
N PRO B 68 -3.53 0.56 17.53
CA PRO B 68 -3.35 1.68 16.59
C PRO B 68 -2.75 2.86 17.34
N TYR B 69 -1.71 3.44 16.76
CA TYR B 69 -1.00 4.56 17.36
C TYR B 69 -1.20 5.86 16.60
N TRP B 70 -1.06 5.83 15.29
CA TRP B 70 -1.19 7.01 14.45
C TRP B 70 -2.04 6.64 13.26
N GLY B 71 -2.77 7.60 12.71
CA GLY B 71 -3.46 7.35 11.46
C GLY B 71 -4.06 8.63 10.92
N ASP B 72 -4.55 8.52 9.70
CA ASP B 72 -5.13 9.69 9.02
C ASP B 72 -6.07 9.16 7.94
N VAL B 73 -7.37 9.37 8.13
CA VAL B 73 -8.33 8.84 7.16
C VAL B 73 -8.16 9.48 5.79
N LYS B 74 -7.76 10.75 5.73
CA LYS B 74 -7.63 11.39 4.41
C LYS B 74 -6.47 10.78 3.62
N GLN B 75 -5.37 10.47 4.29
CA GLN B 75 -4.28 9.76 3.66
C GLN B 75 -4.57 8.29 3.48
N ASP B 76 -5.57 7.77 4.19
CA ASP B 76 -5.92 6.34 4.20
C ASP B 76 -4.76 5.49 4.73
N LEU B 77 -4.17 5.94 5.84
CA LEU B 77 -3.05 5.23 6.46
C LEU B 77 -3.25 5.09 7.96
N VAL B 78 -2.63 4.03 8.50
CA VAL B 78 -2.62 3.78 9.93
C VAL B 78 -1.33 3.05 10.29
N SER B 79 -0.76 3.37 11.46
CA SER B 79 0.39 2.66 11.99
C SER B 79 0.08 2.13 13.39
N TYR B 80 0.69 0.99 13.72
CA TYR B 80 0.46 0.26 14.95
C TYR B 80 1.76 0.19 15.76
N CYS B 81 1.64 0.44 17.06
CA CYS B 81 2.69 0.31 18.07
C CYS B 81 3.68 1.47 18.04
N GLY B 82 3.53 2.41 17.14
CA GLY B 82 4.37 3.57 17.11
C GLY B 82 4.05 4.41 15.88
N PRO B 83 4.79 5.50 15.71
CA PRO B 83 4.50 6.41 14.59
C PRO B 83 4.99 5.84 13.27
N TRP B 84 4.48 6.44 12.19
CA TRP B 84 4.82 6.01 10.84
C TRP B 84 6.32 6.09 10.62
N LYS B 85 6.90 4.97 10.14
CA LYS B 85 8.35 4.84 9.99
C LYS B 85 8.84 4.89 8.54
N LEU B 86 7.96 4.72 7.57
CA LEU B 86 8.38 4.60 6.18
C LEU B 86 8.57 5.99 5.59
N ASP B 87 9.81 6.35 5.27
CA ASP B 87 10.06 7.70 4.82
C ASP B 87 10.63 7.79 3.42
N ALA B 88 10.89 6.68 2.75
CA ALA B 88 11.44 6.76 1.40
C ALA B 88 10.38 7.35 0.47
N ALA B 89 10.83 8.16 -0.48
CA ALA B 89 9.94 8.82 -1.43
C ALA B 89 10.25 8.37 -2.84
N TRP B 90 9.22 8.19 -3.66
CA TRP B 90 9.43 8.02 -5.08
C TRP B 90 10.25 9.20 -5.61
N ASP B 91 11.26 8.92 -6.42
CA ASP B 91 12.11 9.98 -6.95
C ASP B 91 11.46 10.75 -8.09
N GLY B 92 10.25 10.39 -8.48
CA GLY B 92 9.53 11.06 -9.52
C GLY B 92 10.03 10.77 -10.92
N LEU B 93 10.85 9.74 -11.10
CA LEU B 93 11.51 9.46 -12.35
C LEU B 93 11.60 7.98 -12.66
N SER B 94 11.97 7.18 -11.66
CA SER B 94 12.38 5.80 -11.86
C SER B 94 11.21 4.82 -11.79
N GLU B 95 11.43 3.67 -12.42
CA GLU B 95 10.50 2.55 -12.25
C GLU B 95 10.51 2.07 -10.81
N VAL B 96 9.39 1.46 -10.43
CA VAL B 96 9.14 0.99 -9.08
C VAL B 96 8.66 -0.45 -9.17
N GLN B 97 8.59 -1.12 -8.02
CA GLN B 97 7.99 -2.46 -7.97
C GLN B 97 6.87 -2.51 -6.94
N LEU B 98 5.74 -3.03 -7.35
CA LEU B 98 4.70 -3.43 -6.42
C LEU B 98 5.05 -4.83 -5.93
N LEU B 99 5.20 -4.99 -4.61
CA LEU B 99 5.34 -6.32 -4.02
C LEU B 99 3.92 -6.73 -3.64
N ALA B 100 3.21 -7.27 -4.64
CA ALA B 100 1.82 -7.62 -4.46
C ALA B 100 1.70 -8.89 -3.63
N VAL B 101 0.81 -8.87 -2.64
CA VAL B 101 0.51 -10.05 -1.84
C VAL B 101 -0.99 -10.33 -1.97
N PRO B 102 -1.41 -10.93 -3.09
CA PRO B 102 -2.83 -11.10 -3.32
C PRO B 102 -3.39 -12.21 -2.44
N PRO B 103 -4.67 -12.18 -2.13
CA PRO B 103 -5.28 -13.28 -1.36
C PRO B 103 -5.00 -14.62 -2.04
N GLY B 104 -4.52 -15.57 -1.25
CA GLY B 104 -4.32 -16.93 -1.76
C GLY B 104 -3.15 -17.12 -2.69
N GLU B 105 -2.26 -16.13 -2.84
CA GLU B 105 -1.12 -16.22 -3.74
C GLU B 105 0.13 -15.74 -3.03
N ARG B 106 1.30 -16.31 -3.39
CA ARG B 106 2.51 -15.83 -2.73
C ARG B 106 2.89 -14.45 -3.28
N ALA B 107 3.68 -13.74 -2.48
CA ALA B 107 4.16 -12.43 -2.86
C ALA B 107 4.88 -12.48 -4.20
N LYS B 108 4.61 -11.46 -5.02
CA LYS B 108 5.25 -11.35 -6.33
C LYS B 108 5.57 -9.89 -6.62
N ASN B 109 6.67 -9.67 -7.32
CA ASN B 109 7.13 -8.34 -7.67
C ASN B 109 6.72 -8.00 -9.08
N ILE B 110 6.12 -6.83 -9.26
N ILE B 110 6.10 -6.84 -9.26
CA ILE B 110 5.69 -6.34 -10.57
CA ILE B 110 5.70 -6.33 -10.57
C ILE B 110 6.31 -4.96 -10.77
C ILE B 110 6.34 -4.97 -10.74
N GLN B 111 7.14 -4.82 -11.80
CA GLN B 111 7.80 -3.55 -12.07
C GLN B 111 6.97 -2.70 -13.02
N THR B 112 6.97 -1.39 -12.80
CA THR B 112 6.16 -0.48 -13.60
C THR B 112 6.77 0.91 -13.52
N LEU B 113 6.51 1.72 -14.56
CA LEU B 113 6.83 3.14 -14.52
C LEU B 113 5.58 3.87 -14.07
N PRO B 114 5.58 4.52 -12.91
CA PRO B 114 4.35 5.18 -12.46
C PRO B 114 3.89 6.26 -13.43
N GLY B 115 2.58 6.45 -13.48
CA GLY B 115 1.98 7.69 -13.93
C GLY B 115 1.84 8.64 -12.77
N ILE B 116 0.92 9.59 -12.93
CA ILE B 116 0.80 10.73 -12.02
C ILE B 116 -0.68 11.01 -11.75
N PHE B 117 -1.04 11.13 -10.48
CA PHE B 117 -2.26 11.79 -10.07
C PHE B 117 -1.90 13.27 -9.91
N LYS B 118 -2.47 14.13 -10.75
CA LYS B 118 -2.28 15.57 -10.63
C LYS B 118 -3.42 16.12 -9.78
N THR B 119 -3.10 16.66 -8.61
CA THR B 119 -4.10 17.22 -7.72
C THR B 119 -3.82 18.69 -7.48
N LYS B 120 -4.80 19.37 -6.90
CA LYS B 120 -4.65 20.80 -6.61
C LYS B 120 -3.52 21.06 -5.62
N ASP B 121 -3.13 20.03 -4.86
CA ASP B 121 -2.07 20.16 -3.87
C ASP B 121 -0.77 19.53 -4.32
N GLY B 122 -0.66 19.13 -5.58
CA GLY B 122 0.57 18.59 -6.12
C GLY B 122 0.38 17.23 -6.75
N ASP B 123 1.48 16.72 -7.30
CA ASP B 123 1.50 15.47 -8.04
C ASP B 123 1.80 14.32 -7.08
N ILE B 124 1.15 13.18 -7.32
CA ILE B 124 1.40 11.94 -6.59
C ILE B 124 1.67 10.84 -7.63
N GLY B 125 2.75 10.10 -7.45
CA GLY B 125 2.94 8.94 -8.29
C GLY B 125 1.79 7.97 -8.17
N ALA B 126 1.51 7.26 -9.26
CA ALA B 126 0.38 6.35 -9.29
C ALA B 126 0.72 5.18 -10.21
N VAL B 127 0.30 3.97 -9.82
CA VAL B 127 0.62 2.76 -10.57
C VAL B 127 -0.63 2.15 -11.17
N ALA B 128 -0.54 1.83 -12.46
CA ALA B 128 -1.65 1.26 -13.21
C ALA B 128 -1.54 -0.26 -13.15
N LEU B 129 -1.82 -0.79 -11.96
CA LEU B 129 -1.74 -2.20 -11.67
C LEU B 129 -3.00 -2.58 -10.91
N ASP B 130 -3.65 -3.67 -11.31
CA ASP B 130 -4.97 -4.02 -10.82
C ASP B 130 -4.95 -5.38 -10.15
N TYR B 131 -5.27 -5.40 -8.86
CA TYR B 131 -5.26 -6.60 -8.03
C TYR B 131 -6.50 -6.64 -7.17
N PRO B 132 -6.82 -7.79 -6.60
CA PRO B 132 -8.02 -7.89 -5.74
C PRO B 132 -7.95 -6.93 -4.55
N ALA B 133 -9.14 -6.64 -4.01
CA ALA B 133 -9.26 -5.68 -2.91
C ALA B 133 -8.37 -6.04 -1.73
N GLY B 134 -8.23 -7.34 -1.44
CA GLY B 134 -7.43 -7.75 -0.30
C GLY B 134 -5.94 -7.61 -0.49
N THR B 135 -5.50 -7.12 -1.65
CA THR B 135 -4.10 -6.76 -1.87
C THR B 135 -3.78 -5.38 -1.30
N SER B 136 -4.80 -4.65 -0.88
CA SER B 136 -4.61 -3.33 -0.28
C SER B 136 -3.56 -3.38 0.82
N GLY B 137 -2.65 -2.42 0.80
CA GLY B 137 -1.58 -2.32 1.76
C GLY B 137 -0.27 -2.92 1.27
N SER B 138 -0.28 -3.56 0.11
CA SER B 138 0.95 -4.13 -0.40
C SER B 138 1.97 -3.02 -0.65
N PRO B 139 3.24 -3.24 -0.33
CA PRO B 139 4.22 -2.16 -0.46
C PRO B 139 4.70 -1.98 -1.89
N ILE B 140 5.02 -0.73 -2.19
CA ILE B 140 5.66 -0.33 -3.45
C ILE B 140 7.08 0.07 -3.11
N LEU B 141 8.03 -0.38 -3.92
CA LEU B 141 9.45 -0.35 -3.58
C LEU B 141 10.26 0.42 -4.61
N ASP B 142 11.32 1.08 -4.14
CA ASP B 142 12.35 1.60 -5.02
C ASP B 142 13.42 0.53 -5.22
N LYS B 143 14.41 0.85 -6.05
CA LYS B 143 15.44 -0.12 -6.43
C LYS B 143 16.31 -0.55 -5.25
N CYS B 144 16.33 0.23 -4.18
CA CYS B 144 17.03 -0.15 -2.96
C CYS B 144 16.19 -1.03 -2.06
N GLY B 145 14.98 -1.37 -2.48
CA GLY B 145 14.10 -2.16 -1.64
C GLY B 145 13.39 -1.38 -0.56
N ARG B 146 13.52 -0.06 -0.55
CA ARG B 146 12.82 0.74 0.43
C ARG B 146 11.36 0.91 0.04
N VAL B 147 10.51 0.98 1.05
CA VAL B 147 9.06 1.13 0.80
C VAL B 147 8.76 2.61 0.57
N ILE B 148 8.39 2.94 -0.66
CA ILE B 148 8.07 4.32 -1.03
C ILE B 148 6.57 4.60 -0.92
N GLY B 149 5.76 3.59 -0.61
CA GLY B 149 4.35 3.82 -0.36
C GLY B 149 3.62 2.49 -0.34
N LEU B 150 2.31 2.58 -0.08
CA LEU B 150 1.42 1.43 -0.06
C LEU B 150 0.40 1.53 -1.18
N TYR B 151 0.06 0.36 -1.73
CA TYR B 151 -0.88 0.21 -2.82
C TYR B 151 -2.31 0.04 -2.32
N GLY B 152 -3.25 0.71 -3.00
CA GLY B 152 -4.65 0.37 -2.81
C GLY B 152 -5.63 1.51 -2.59
N ASN B 153 -5.21 2.76 -2.67
CA ASN B 153 -6.16 3.87 -2.67
C ASN B 153 -6.05 4.57 -4.03
N GLY B 154 -7.12 4.50 -4.81
CA GLY B 154 -7.03 4.92 -6.19
C GLY B 154 -8.34 5.24 -6.85
N VAL B 155 -8.36 5.10 -8.18
CA VAL B 155 -9.50 5.45 -9.01
C VAL B 155 -9.69 4.36 -10.06
N VAL B 156 -10.92 4.24 -10.55
CA VAL B 156 -11.26 3.40 -11.68
C VAL B 156 -11.40 4.29 -12.90
N ILE B 157 -10.66 3.98 -13.96
CA ILE B 157 -10.71 4.75 -15.19
C ILE B 157 -11.78 4.19 -16.13
N LYS B 158 -11.95 4.84 -17.28
CA LYS B 158 -13.16 4.65 -18.09
C LYS B 158 -13.37 3.19 -18.47
N ASN B 159 -12.30 2.47 -18.79
CA ASN B 159 -12.44 1.09 -19.23
C ASN B 159 -12.59 0.08 -18.09
N GLY B 160 -12.67 0.55 -16.84
CA GLY B 160 -12.84 -0.33 -15.71
C GLY B 160 -11.56 -0.76 -15.04
N SER B 161 -10.41 -0.43 -15.61
CA SER B 161 -9.14 -0.75 -14.96
C SER B 161 -8.85 0.25 -13.83
N TYR B 162 -7.79 -0.02 -13.09
CA TYR B 162 -7.53 0.65 -11.82
C TYR B 162 -6.18 1.33 -11.84
N VAL B 163 -6.11 2.46 -11.14
CA VAL B 163 -4.84 3.14 -10.90
C VAL B 163 -4.78 3.49 -9.43
N SER B 164 -3.69 3.09 -8.76
CA SER B 164 -3.50 3.33 -7.35
C SER B 164 -2.49 4.45 -7.13
N ALA B 165 -2.79 5.35 -6.21
CA ALA B 165 -1.75 6.24 -5.73
C ALA B 165 -0.62 5.43 -5.10
N ILE B 166 0.59 5.98 -5.13
CA ILE B 166 1.68 5.52 -4.27
C ILE B 166 1.51 6.32 -2.98
N THR B 167 0.81 5.73 -2.00
CA THR B 167 0.45 6.47 -0.79
C THR B 167 1.54 6.32 0.26
N GLN B 168 2.14 7.44 0.66
CA GLN B 168 3.21 7.44 1.64
C GLN B 168 2.86 8.40 2.77
N GLY B 169 3.21 8.01 4.00
CA GLY B 169 3.01 8.86 5.15
C GLY B 169 4.23 9.70 5.42
N LYS B 170 4.15 10.49 6.48
CA LYS B 170 5.24 11.36 6.89
C LYS B 170 5.89 10.75 8.12
N ARG B 171 7.21 10.61 8.08
CA ARG B 171 7.96 10.19 9.25
C ARG B 171 8.34 11.45 10.03
N GLU B 172 7.65 11.69 11.14
CA GLU B 172 7.81 12.93 11.89
C GLU B 172 9.09 12.92 12.72
N1 JG0 C . -12.06 -1.80 -9.76
C7 JG0 C . -9.30 -1.10 -2.74
C8 JG0 C . -9.92 0.28 -2.54
N2 JG0 C . -10.65 -2.58 -11.49
C9 JG0 C . -10.77 0.32 -1.26
O1 JG0 C . -14.04 -6.48 -6.72
C1 JG0 C . -10.13 -2.70 -7.81
C5 JG0 C . -7.38 -2.54 -5.06
C6 JG0 C . -7.35 -2.35 -3.55
N3 JG0 C . -8.03 -1.12 -3.16
C4 JG0 C . -8.79 -2.60 -5.63
O4 JG0 C . -9.96 -2.12 -2.59
C3 JG0 C . -8.75 -2.75 -7.15
O3 JG0 C . -9.32 2.28 -4.46
C2 JG0 C . -10.84 -2.39 -10.22
N4 JG0 C . -10.49 5.20 0.05
N JG0 C . -9.95 -2.78 -9.26
C JG0 C . -11.03 -3.81 -7.29
O JG0 C . -11.72 -3.63 -6.28
C10 JG0 C . -11.45 1.68 -1.04
C11 JG0 C . -10.50 2.82 -0.68
C12 JG0 C . -11.29 4.11 -0.51
C13 JG0 C . -10.37 1.63 -4.54
C14 JG0 C . -11.35 1.89 -5.69
C15 JG0 C . -11.53 3.41 -5.90
C16 JG0 C . -12.80 3.97 -5.31
C17 JG0 C . -13.92 6.05 -4.86
C18 JG0 C . -12.96 0.27 -6.47
C19 JG0 C . -14.34 -0.32 -6.29
C20 JG0 C . -14.84 -1.09 -7.49
C21 JG0 C . -14.75 -2.47 -7.53
C22 JG0 C . -15.22 -3.20 -8.61
C23 JG0 C . -15.11 -4.71 -8.61
C24 JG0 C . -13.28 -5.92 -7.50
C25 JG0 C . -11.77 -6.11 -7.43
C26 JG0 C . -15.78 -2.51 -9.69
C27 JG0 C . -15.85 -1.14 -9.67
C28 JG0 C . -15.39 -0.43 -8.58
N10 JG0 C . -13.72 -5.12 -8.48
N11 JG0 C . -11.04 -4.98 -7.95
N5 JG0 C . -10.70 0.64 -3.71
N6 JG0 C . -12.99 5.37 -5.66
N7 JG0 C . -14.89 5.17 -4.31
N8 JG0 C . -13.82 7.36 -4.69
N9 JG0 C . -12.61 1.20 -5.57
O2 JG0 C . -12.20 -0.07 -7.38
#